data_3OHW
#
_entry.id   3OHW
#
_cell.length_a   29.891
_cell.length_b   74.881
_cell.length_c   66.388
_cell.angle_alpha   90.000
_cell.angle_beta   91.510
_cell.angle_gamma   90.000
#
_symmetry.space_group_name_H-M   'P 1 21 1'
#
_entity_poly.entity_id   1
_entity_poly.type   'polypeptide(L)'
_entity_poly.pdbx_seq_one_letter_code
;NQGVTRQRQQTKVFKLVSTYDKVAVKNAIRAAYRQVFERDLEPYIINSEFTALESKLSNNEINVKEFIEGLGTSELY
(MSE)KEFYAPYPNTKVIE(MSE)GTKHFLGRAPLNQKEIQQYNQILASQGLKAFIGA(MSE)VNG(MSE)EYLQTFGED
TVPYRRF
;
_entity_poly.pdbx_strand_id   B,A
#
# COMPACT_ATOMS: atom_id res chain seq x y z
N ASP A 21 -3.19 -33.98 -19.41
CA ASP A 21 -3.83 -33.87 -18.05
C ASP A 21 -2.85 -33.35 -16.98
N LYS A 22 -1.73 -34.04 -16.82
CA LYS A 22 -0.73 -33.62 -15.86
C LYS A 22 0.18 -32.68 -16.62
N VAL A 23 0.42 -32.99 -17.89
CA VAL A 23 1.24 -32.18 -18.75
C VAL A 23 0.49 -30.86 -18.90
N ALA A 24 -0.83 -30.92 -18.73
CA ALA A 24 -1.69 -29.75 -18.85
C ALA A 24 -1.45 -28.77 -17.69
N VAL A 25 -1.20 -29.31 -16.50
CA VAL A 25 -0.89 -28.49 -15.34
C VAL A 25 0.55 -27.99 -15.53
N LYS A 26 1.40 -28.95 -15.89
CA LYS A 26 2.81 -28.71 -16.15
C LYS A 26 2.93 -27.47 -17.03
N ASN A 27 2.14 -27.43 -18.11
CA ASN A 27 2.18 -26.29 -19.02
C ASN A 27 1.85 -24.98 -18.32
N ALA A 28 0.85 -25.02 -17.45
CA ALA A 28 0.39 -23.83 -16.75
C ALA A 28 1.35 -23.32 -15.70
N ILE A 29 1.86 -24.22 -14.87
CA ILE A 29 2.81 -23.84 -13.83
C ILE A 29 3.88 -22.95 -14.46
N ARG A 30 4.54 -23.48 -15.49
CA ARG A 30 5.61 -22.80 -16.22
C ARG A 30 5.09 -21.53 -16.86
N ALA A 31 3.99 -21.68 -17.59
CA ALA A 31 3.33 -20.60 -18.30
C ALA A 31 3.09 -19.37 -17.41
N ALA A 32 2.51 -19.62 -16.23
CA ALA A 32 2.21 -18.55 -15.30
C ALA A 32 3.43 -17.92 -14.62
N TYR A 33 4.53 -18.68 -14.49
CA TYR A 33 5.74 -18.12 -13.85
C TYR A 33 6.40 -17.10 -14.78
N ARG A 34 6.39 -17.39 -16.08
CA ARG A 34 6.97 -16.50 -17.08
C ARG A 34 6.09 -15.30 -17.26
N GLN A 35 4.79 -15.52 -17.16
CA GLN A 35 3.83 -14.44 -17.31
C GLN A 35 4.01 -13.42 -16.19
N VAL A 36 3.88 -13.87 -14.95
CA VAL A 36 4.02 -13.01 -13.78
C VAL A 36 5.43 -12.47 -13.53
N PHE A 37 6.37 -13.40 -13.35
CA PHE A 37 7.75 -13.08 -13.06
C PHE A 37 8.67 -12.87 -14.27
N GLU A 38 8.13 -13.10 -15.47
CA GLU A 38 8.88 -12.93 -16.71
C GLU A 38 10.06 -13.91 -16.85
N ARG A 39 10.12 -14.88 -15.94
CA ARG A 39 11.21 -15.85 -15.94
C ARG A 39 10.77 -17.21 -15.38
N ASP A 40 11.56 -18.25 -15.66
CA ASP A 40 11.28 -19.57 -15.10
C ASP A 40 11.98 -19.58 -13.73
N LEU A 41 11.25 -19.85 -12.66
CA LEU A 41 11.82 -19.86 -11.32
C LEU A 41 12.57 -21.14 -10.98
N GLU A 42 13.68 -21.00 -10.24
CA GLU A 42 14.49 -22.14 -9.82
C GLU A 42 13.75 -22.98 -8.80
N PRO A 43 13.97 -24.30 -8.83
CA PRO A 43 13.30 -25.21 -7.89
C PRO A 43 13.23 -24.70 -6.45
N TYR A 44 14.34 -24.21 -5.93
CA TYR A 44 14.38 -23.73 -4.56
C TYR A 44 13.54 -22.47 -4.33
N ILE A 45 13.42 -21.62 -5.34
CA ILE A 45 12.61 -20.42 -5.20
C ILE A 45 11.18 -20.90 -5.12
N ILE A 46 10.90 -21.97 -5.84
CA ILE A 46 9.58 -22.58 -5.84
C ILE A 46 9.38 -23.13 -4.44
N ASN A 47 10.30 -24.01 -4.04
CA ASN A 47 10.29 -24.65 -2.74
C ASN A 47 10.00 -23.66 -1.61
N SER A 48 10.35 -22.40 -1.83
CA SER A 48 10.12 -21.41 -0.80
C SER A 48 8.65 -21.08 -0.59
N GLU A 49 7.95 -20.63 -1.63
CA GLU A 49 6.54 -20.25 -1.49
C GLU A 49 5.51 -20.91 -2.40
N PHE A 50 5.94 -21.69 -3.38
CA PHE A 50 4.97 -22.24 -4.31
C PHE A 50 4.68 -23.71 -4.28
N THR A 51 5.26 -24.39 -3.30
CA THR A 51 5.07 -25.81 -3.14
C THR A 51 3.60 -26.19 -2.96
N ALA A 52 2.89 -25.45 -2.11
CA ALA A 52 1.48 -25.72 -1.88
C ALA A 52 0.62 -25.53 -3.13
N LEU A 53 0.70 -24.36 -3.74
CA LEU A 53 -0.08 -24.04 -4.93
C LEU A 53 0.10 -25.00 -6.09
N GLU A 54 1.34 -25.39 -6.33
CA GLU A 54 1.58 -26.31 -7.43
C GLU A 54 0.79 -27.58 -7.14
N SER A 55 0.90 -28.07 -5.90
CA SER A 55 0.20 -29.28 -5.48
C SER A 55 -1.32 -29.16 -5.63
N LYS A 56 -1.87 -28.06 -5.12
CA LYS A 56 -3.29 -27.81 -5.19
C LYS A 56 -3.73 -27.77 -6.66
N LEU A 57 -3.02 -26.99 -7.46
CA LEU A 57 -3.32 -26.89 -8.88
C LEU A 57 -3.23 -28.32 -9.44
N SER A 58 -2.17 -29.02 -9.08
CA SER A 58 -1.99 -30.38 -9.54
C SER A 58 -3.11 -31.28 -9.07
N ASN A 59 -3.41 -31.22 -7.78
CA ASN A 59 -4.46 -32.04 -7.18
C ASN A 59 -5.85 -31.54 -7.53
N ASN A 60 -5.93 -30.56 -8.43
CA ASN A 60 -7.23 -30.04 -8.85
C ASN A 60 -8.03 -29.45 -7.68
N GLU A 61 -7.36 -28.74 -6.77
CA GLU A 61 -8.06 -28.15 -5.64
C GLU A 61 -8.25 -26.64 -5.79
N ILE A 62 -7.50 -26.04 -6.72
CA ILE A 62 -7.60 -24.61 -7.03
C ILE A 62 -7.46 -24.50 -8.56
N ASN A 63 -7.92 -23.40 -9.12
CA ASN A 63 -7.84 -23.20 -10.56
C ASN A 63 -6.63 -22.30 -10.90
N VAL A 64 -6.46 -22.00 -12.18
CA VAL A 64 -5.36 -21.16 -12.65
C VAL A 64 -5.40 -19.76 -12.07
N LYS A 65 -6.60 -19.18 -12.08
CA LYS A 65 -6.83 -17.85 -11.53
C LYS A 65 -6.28 -17.80 -10.08
N GLU A 66 -6.65 -18.79 -9.27
CA GLU A 66 -6.21 -18.86 -7.89
C GLU A 66 -4.69 -18.96 -7.77
N PHE A 67 -4.09 -19.83 -8.57
CA PHE A 67 -2.64 -20.01 -8.58
C PHE A 67 -1.99 -18.68 -9.02
N ILE A 68 -2.59 -18.03 -10.02
CA ILE A 68 -2.09 -16.74 -10.50
C ILE A 68 -2.19 -15.68 -9.37
N GLU A 69 -3.10 -15.91 -8.44
CA GLU A 69 -3.29 -15.00 -7.31
C GLU A 69 -2.28 -15.32 -6.20
N GLY A 70 -1.82 -16.58 -6.18
CA GLY A 70 -0.84 -16.97 -5.19
C GLY A 70 0.45 -16.28 -5.58
N LEU A 71 0.58 -16.08 -6.89
CA LEU A 71 1.74 -15.43 -7.47
C LEU A 71 1.81 -13.95 -7.10
N GLY A 72 0.77 -13.20 -7.46
CA GLY A 72 0.74 -11.78 -7.15
C GLY A 72 0.83 -11.48 -5.67
N THR A 73 0.33 -12.39 -4.85
CA THR A 73 0.34 -12.21 -3.41
C THR A 73 1.58 -12.85 -2.79
N SER A 74 2.43 -13.41 -3.63
CA SER A 74 3.65 -14.04 -3.17
C SER A 74 4.57 -12.96 -2.64
N GLU A 75 5.54 -13.35 -1.83
CA GLU A 75 6.49 -12.38 -1.30
C GLU A 75 7.54 -12.08 -2.39
N LEU A 76 7.84 -13.11 -3.17
CA LEU A 76 8.80 -13.02 -4.26
C LEU A 76 8.33 -11.96 -5.23
N TYR A 77 7.02 -11.87 -5.47
CA TYR A 77 6.48 -10.89 -6.41
C TYR A 77 6.68 -9.45 -5.93
N LYS A 79 9.01 -8.50 -3.97
CA LYS A 79 10.45 -8.28 -4.10
C LYS A 79 10.77 -7.93 -5.54
N GLU A 80 10.41 -8.86 -6.42
CA GLU A 80 10.65 -8.74 -7.85
C GLU A 80 10.03 -7.54 -8.57
N PHE A 81 8.79 -7.20 -8.25
CA PHE A 81 8.13 -6.10 -8.96
C PHE A 81 7.47 -4.99 -8.16
N TYR A 82 7.90 -4.77 -6.93
CA TYR A 82 7.34 -3.71 -6.10
C TYR A 82 8.47 -3.07 -5.34
N ALA A 83 9.28 -3.91 -4.71
CA ALA A 83 10.42 -3.45 -3.92
C ALA A 83 11.26 -2.42 -4.67
N PRO A 84 11.57 -2.68 -5.96
CA PRO A 84 12.37 -1.77 -6.78
C PRO A 84 11.60 -0.53 -7.25
N TYR A 85 10.80 -0.74 -8.29
CA TYR A 85 9.98 0.26 -8.97
C TYR A 85 9.05 1.11 -8.11
N PRO A 86 8.39 2.12 -8.73
CA PRO A 86 7.44 3.05 -8.10
C PRO A 86 5.95 2.73 -8.37
N ASN A 87 5.07 3.37 -7.60
CA ASN A 87 3.62 3.19 -7.72
C ASN A 87 3.12 3.05 -9.17
N THR A 88 3.68 3.87 -10.06
CA THR A 88 3.29 3.86 -11.46
C THR A 88 3.82 2.63 -12.19
N LYS A 89 5.05 2.25 -11.88
CA LYS A 89 5.63 1.09 -12.52
C LYS A 89 5.07 -0.14 -11.83
N VAL A 90 4.81 -0.05 -10.53
CA VAL A 90 4.25 -1.17 -9.80
C VAL A 90 2.96 -1.51 -10.52
N ILE A 91 2.12 -0.50 -10.70
CA ILE A 91 0.85 -0.68 -11.39
C ILE A 91 1.00 -1.09 -12.86
N GLU A 92 1.93 -0.47 -13.57
CA GLU A 92 2.15 -0.81 -14.98
C GLU A 92 2.52 -2.27 -15.10
N GLY A 94 1.74 -4.72 -12.97
CA GLY A 94 0.62 -5.59 -12.65
C GLY A 94 -0.40 -5.73 -13.76
N THR A 95 -0.77 -4.64 -14.41
CA THR A 95 -1.74 -4.77 -15.47
C THR A 95 -1.23 -5.71 -16.56
N LYS A 96 0.03 -5.52 -16.95
CA LYS A 96 0.60 -6.36 -18.00
C LYS A 96 0.73 -7.83 -17.56
N HIS A 97 0.89 -8.06 -16.26
CA HIS A 97 1.04 -9.41 -15.74
C HIS A 97 -0.27 -10.19 -15.57
N PHE A 98 -1.22 -9.58 -14.88
CA PHE A 98 -2.51 -10.20 -14.57
C PHE A 98 -3.67 -9.86 -15.49
N LEU A 99 -3.50 -8.82 -16.29
CA LEU A 99 -4.51 -8.42 -17.24
C LEU A 99 -3.97 -8.49 -18.64
N GLY A 100 -2.64 -8.68 -18.74
CA GLY A 100 -1.97 -8.77 -20.03
C GLY A 100 -2.21 -7.60 -20.96
N ARG A 101 -2.13 -6.40 -20.39
CA ARG A 101 -2.32 -5.16 -21.15
C ARG A 101 -1.84 -4.00 -20.30
N ALA A 102 -1.48 -2.89 -20.95
CA ALA A 102 -1.01 -1.74 -20.20
C ALA A 102 -2.22 -1.08 -19.55
N PRO A 103 -1.98 -0.13 -18.63
CA PRO A 103 -3.14 0.53 -18.00
C PRO A 103 -3.94 1.32 -19.04
N LEU A 104 -5.26 1.33 -18.91
CA LEU A 104 -6.13 2.04 -19.84
C LEU A 104 -5.75 3.50 -19.93
N ASN A 105 -5.61 4.12 -18.77
CA ASN A 105 -5.30 5.54 -18.70
C ASN A 105 -4.93 5.96 -17.29
N GLN A 106 -4.32 7.13 -17.18
CA GLN A 106 -3.91 7.67 -15.89
C GLN A 106 -5.02 7.43 -14.90
N LYS A 107 -6.25 7.63 -15.36
CA LYS A 107 -7.42 7.43 -14.52
C LYS A 107 -7.30 6.08 -13.82
N GLU A 108 -7.36 4.99 -14.60
CA GLU A 108 -7.28 3.64 -14.04
C GLU A 108 -6.08 3.57 -13.09
N ILE A 109 -5.01 4.26 -13.45
CA ILE A 109 -3.82 4.29 -12.62
C ILE A 109 -4.17 4.91 -11.27
N GLN A 110 -4.70 6.12 -11.30
CA GLN A 110 -5.06 6.81 -10.07
C GLN A 110 -6.05 5.88 -9.37
N GLN A 111 -6.94 5.30 -10.16
CA GLN A 111 -7.94 4.38 -9.63
C GLN A 111 -7.24 3.23 -8.93
N TYR A 112 -6.16 2.76 -9.54
CA TYR A 112 -5.38 1.67 -8.98
C TYR A 112 -4.49 2.10 -7.83
N ASN A 113 -3.85 3.26 -7.97
CA ASN A 113 -2.99 3.77 -6.92
C ASN A 113 -3.74 3.78 -5.58
N GLN A 114 -4.98 4.27 -5.59
CA GLN A 114 -5.74 4.32 -4.35
C GLN A 114 -5.95 2.96 -3.71
N ILE A 115 -6.11 1.92 -4.52
CA ILE A 115 -6.30 0.58 -3.97
C ILE A 115 -5.09 0.26 -3.10
N LEU A 116 -3.91 0.41 -3.70
CA LEU A 116 -2.63 0.18 -3.03
C LEU A 116 -2.56 0.99 -1.74
N ALA A 117 -2.60 2.29 -1.91
CA ALA A 117 -2.56 3.27 -0.83
C ALA A 117 -3.48 3.01 0.34
N SER A 118 -4.51 2.21 0.14
CA SER A 118 -5.48 1.94 1.20
C SER A 118 -5.48 0.53 1.77
N GLN A 119 -5.16 -0.46 0.95
CA GLN A 119 -5.17 -1.85 1.39
C GLN A 119 -3.86 -2.56 1.06
N GLY A 120 -2.99 -1.89 0.32
CA GLY A 120 -1.70 -2.47 -0.03
C GLY A 120 -1.63 -3.22 -1.34
N LEU A 121 -0.53 -3.96 -1.52
CA LEU A 121 -0.29 -4.74 -2.73
C LEU A 121 -1.39 -5.76 -3.03
N LYS A 122 -1.51 -6.76 -2.16
CA LYS A 122 -2.51 -7.81 -2.32
C LYS A 122 -3.84 -7.22 -2.80
N ALA A 123 -4.23 -6.10 -2.20
CA ALA A 123 -5.46 -5.44 -2.58
C ALA A 123 -5.42 -5.34 -4.09
N PHE A 124 -4.53 -4.47 -4.56
CA PHE A 124 -4.32 -4.24 -5.97
C PHE A 124 -4.39 -5.52 -6.80
N ILE A 125 -3.58 -6.52 -6.44
CA ILE A 125 -3.55 -7.79 -7.14
C ILE A 125 -4.92 -8.43 -7.27
N GLY A 126 -5.67 -8.42 -6.16
CA GLY A 126 -7.00 -9.02 -6.12
C GLY A 126 -8.05 -8.34 -6.96
N ALA A 127 -7.97 -7.01 -7.04
CA ALA A 127 -8.92 -6.24 -7.82
C ALA A 127 -8.89 -6.58 -9.30
N VAL A 129 -7.38 -9.84 -10.64
CA VAL A 129 -7.62 -11.27 -10.79
C VAL A 129 -9.06 -11.63 -10.44
N ASN A 130 -9.65 -10.87 -9.52
CA ASN A 130 -11.02 -11.11 -9.12
C ASN A 130 -11.99 -10.18 -9.83
N GLY A 131 -11.49 -9.53 -10.88
CA GLY A 131 -12.30 -8.60 -11.64
C GLY A 131 -13.07 -9.23 -12.80
N GLU A 133 -13.33 -8.08 -16.01
CA GLU A 133 -12.52 -8.13 -17.23
C GLU A 133 -11.63 -9.36 -17.27
N TYR A 134 -11.06 -9.68 -16.12
CA TYR A 134 -10.18 -10.84 -16.02
C TYR A 134 -11.01 -12.10 -16.19
N LEU A 135 -12.10 -12.21 -15.44
CA LEU A 135 -12.95 -13.39 -15.51
C LEU A 135 -13.49 -13.65 -16.90
N GLN A 136 -13.81 -12.56 -17.60
CA GLN A 136 -14.35 -12.69 -18.94
C GLN A 136 -13.28 -12.97 -19.97
N THR A 137 -12.14 -12.34 -19.80
CA THR A 137 -11.05 -12.52 -20.73
C THR A 137 -10.33 -13.86 -20.58
N PHE A 138 -10.03 -14.24 -19.34
CA PHE A 138 -9.30 -15.48 -19.10
C PHE A 138 -10.08 -16.59 -18.41
N GLY A 139 -11.04 -16.24 -17.58
CA GLY A 139 -11.81 -17.26 -16.92
C GLY A 139 -11.15 -17.69 -15.64
N GLU A 140 -10.97 -18.98 -15.45
CA GLU A 140 -10.35 -19.49 -14.23
C GLU A 140 -9.24 -20.50 -14.46
N ASP A 141 -9.24 -21.12 -15.64
CA ASP A 141 -8.25 -22.14 -15.96
C ASP A 141 -7.34 -21.73 -17.10
N THR A 142 -7.33 -20.45 -17.40
CA THR A 142 -6.50 -19.93 -18.46
C THR A 142 -5.48 -18.98 -17.85
N VAL A 143 -4.24 -19.11 -18.32
CA VAL A 143 -3.18 -18.26 -17.83
C VAL A 143 -3.20 -16.96 -18.61
N PRO A 144 -3.10 -15.83 -17.91
CA PRO A 144 -3.10 -14.55 -18.60
C PRO A 144 -1.99 -14.51 -19.66
N TYR A 145 -2.17 -13.72 -20.70
CA TYR A 145 -1.15 -13.60 -21.72
C TYR A 145 -1.27 -12.18 -22.28
N ARG A 146 -0.26 -11.75 -23.04
CA ARG A 146 -0.31 -10.42 -23.62
C ARG A 146 -1.41 -10.42 -24.68
N ARG A 147 -2.39 -9.55 -24.50
CA ARG A 147 -3.49 -9.45 -25.44
C ARG A 147 -3.27 -8.20 -26.30
N ASP B 21 -6.33 25.64 29.12
CA ASP B 21 -6.78 24.20 29.11
C ASP B 21 -7.52 23.86 27.82
N LYS B 22 -8.29 24.83 27.34
CA LYS B 22 -9.05 24.71 26.11
C LYS B 22 -8.25 25.38 25.01
N VAL B 23 -7.46 26.38 25.40
CA VAL B 23 -6.62 27.10 24.46
C VAL B 23 -5.53 26.12 24.05
N ALA B 24 -5.16 25.24 24.99
CA ALA B 24 -4.15 24.23 24.71
C ALA B 24 -4.70 23.37 23.55
N VAL B 25 -5.90 22.82 23.72
CA VAL B 25 -6.47 22.00 22.66
C VAL B 25 -6.38 22.79 21.36
N LYS B 26 -6.77 24.06 21.43
CA LYS B 26 -6.75 24.94 20.27
C LYS B 26 -5.34 25.13 19.67
N ASN B 27 -4.33 25.29 20.51
CA ASN B 27 -2.95 25.46 20.02
C ASN B 27 -2.52 24.16 19.33
N ALA B 28 -2.94 23.06 19.91
CA ALA B 28 -2.60 21.74 19.40
C ALA B 28 -3.09 21.63 17.98
N ILE B 29 -4.40 21.54 17.83
CA ILE B 29 -5.04 21.41 16.53
C ILE B 29 -4.33 22.26 15.48
N ARG B 30 -4.30 23.56 15.68
CA ARG B 30 -3.63 24.47 14.74
C ARG B 30 -2.24 23.98 14.40
N ALA B 31 -1.49 23.64 15.45
CA ALA B 31 -0.14 23.15 15.33
C ALA B 31 -0.16 21.90 14.45
N ALA B 32 -1.13 21.02 14.72
CA ALA B 32 -1.27 19.78 13.97
C ALA B 32 -1.45 20.03 12.47
N TYR B 33 -2.57 20.63 12.08
CA TYR B 33 -2.84 20.89 10.67
C TYR B 33 -1.58 21.46 10.06
N ARG B 34 -0.95 22.37 10.80
CA ARG B 34 0.30 22.99 10.35
C ARG B 34 1.39 21.98 10.02
N GLN B 35 1.74 21.17 11.02
CA GLN B 35 2.77 20.14 10.93
C GLN B 35 2.55 18.99 9.94
N VAL B 36 1.31 18.52 9.83
CA VAL B 36 1.02 17.41 8.93
C VAL B 36 0.75 17.87 7.50
N PHE B 37 -0.15 18.85 7.38
CA PHE B 37 -0.52 19.36 6.07
C PHE B 37 0.28 20.60 5.67
N GLU B 38 1.35 20.85 6.42
CA GLU B 38 2.27 21.96 6.16
C GLU B 38 1.61 23.34 6.03
N ARG B 39 0.43 23.50 6.59
CA ARG B 39 -0.28 24.78 6.47
C ARG B 39 -1.58 24.75 7.26
N ASP B 40 -2.17 25.93 7.46
CA ASP B 40 -3.43 26.02 8.19
C ASP B 40 -4.52 25.66 7.19
N LEU B 41 -5.30 24.63 7.52
CA LEU B 41 -6.37 24.18 6.63
C LEU B 41 -7.57 25.12 6.66
N GLU B 42 -8.24 25.24 5.52
CA GLU B 42 -9.42 26.09 5.39
C GLU B 42 -10.62 25.41 6.05
N PRO B 43 -11.36 26.16 6.89
CA PRO B 43 -12.53 25.61 7.60
C PRO B 43 -13.40 24.62 6.86
N TYR B 44 -13.61 24.82 5.56
CA TYR B 44 -14.45 23.87 4.81
C TYR B 44 -13.78 22.52 4.66
N ILE B 45 -12.50 22.44 5.01
CA ILE B 45 -11.78 21.18 4.94
C ILE B 45 -11.70 20.70 6.37
N ILE B 46 -11.36 21.62 7.27
CA ILE B 46 -11.28 21.33 8.69
C ILE B 46 -12.66 20.80 9.14
N ASN B 47 -13.67 21.66 9.00
CA ASN B 47 -15.03 21.33 9.37
C ASN B 47 -15.56 20.11 8.63
N SER B 48 -15.32 20.06 7.34
CA SER B 48 -15.81 18.96 6.52
C SER B 48 -15.02 17.65 6.60
N GLU B 49 -13.90 17.64 7.29
CA GLU B 49 -13.09 16.43 7.37
C GLU B 49 -12.69 16.00 8.78
N PHE B 50 -12.41 16.95 9.66
CA PHE B 50 -11.97 16.62 11.02
C PHE B 50 -12.84 17.15 12.18
N THR B 51 -14.15 17.16 11.99
CA THR B 51 -15.05 17.59 13.05
C THR B 51 -14.98 16.57 14.20
N ALA B 52 -14.98 15.29 13.84
CA ALA B 52 -14.92 14.19 14.80
C ALA B 52 -13.66 14.21 15.65
N LEU B 53 -12.49 14.17 15.01
CA LEU B 53 -11.20 14.16 15.73
C LEU B 53 -11.05 15.39 16.60
N GLU B 54 -11.48 16.53 16.08
CA GLU B 54 -11.38 17.74 16.85
C GLU B 54 -12.26 17.58 18.06
N SER B 55 -13.44 17.01 17.86
CA SER B 55 -14.35 16.79 18.97
C SER B 55 -13.77 15.80 19.98
N LYS B 56 -13.16 14.73 19.49
CA LYS B 56 -12.55 13.75 20.38
C LYS B 56 -11.38 14.35 21.18
N LEU B 57 -10.55 15.18 20.54
CA LEU B 57 -9.40 15.79 21.22
C LEU B 57 -9.89 16.71 22.34
N SER B 58 -10.80 17.61 21.96
CA SER B 58 -11.39 18.58 22.87
C SER B 58 -12.00 17.89 24.09
N ASN B 59 -12.77 16.84 23.85
CA ASN B 59 -13.43 16.13 24.93
C ASN B 59 -12.53 15.12 25.62
N ASN B 60 -11.24 15.24 25.37
CA ASN B 60 -10.27 14.35 25.97
C ASN B 60 -10.81 12.93 25.87
N GLU B 61 -10.97 12.47 24.63
CA GLU B 61 -11.43 11.13 24.33
C GLU B 61 -10.20 10.47 23.72
N ILE B 62 -9.36 11.32 23.10
CA ILE B 62 -8.12 10.90 22.47
C ILE B 62 -7.00 11.88 22.81
N ASN B 63 -5.75 11.41 22.77
CA ASN B 63 -4.60 12.26 23.05
C ASN B 63 -4.02 12.86 21.76
N VAL B 64 -3.03 13.74 21.91
CA VAL B 64 -2.46 14.38 20.73
C VAL B 64 -1.93 13.36 19.73
N LYS B 65 -1.33 12.29 20.23
CA LYS B 65 -0.80 11.26 19.35
C LYS B 65 -1.88 10.69 18.40
N GLU B 66 -3.02 10.33 18.98
CA GLU B 66 -4.13 9.74 18.24
C GLU B 66 -4.74 10.74 17.26
N PHE B 67 -4.93 11.96 17.70
CA PHE B 67 -5.48 12.98 16.83
C PHE B 67 -4.52 13.15 15.63
N ILE B 68 -3.23 13.11 15.89
CA ILE B 68 -2.25 13.24 14.83
C ILE B 68 -2.41 12.09 13.84
N GLU B 69 -2.50 10.88 14.37
CA GLU B 69 -2.64 9.71 13.52
C GLU B 69 -3.96 9.75 12.77
N GLY B 70 -4.97 10.41 13.34
CA GLY B 70 -6.23 10.52 12.65
C GLY B 70 -6.04 11.30 11.35
N LEU B 71 -5.12 12.28 11.38
CA LEU B 71 -4.82 13.11 10.23
C LEU B 71 -4.03 12.38 9.14
N GLY B 72 -3.05 11.59 9.54
CA GLY B 72 -2.25 10.86 8.57
C GLY B 72 -3.03 9.75 7.87
N THR B 73 -4.07 9.26 8.53
CA THR B 73 -4.91 8.20 7.99
C THR B 73 -6.18 8.77 7.36
N SER B 74 -6.20 10.08 7.13
CA SER B 74 -7.38 10.73 6.55
C SER B 74 -7.23 10.85 5.04
N GLU B 75 -8.35 10.74 4.34
CA GLU B 75 -8.38 10.85 2.89
C GLU B 75 -7.62 12.09 2.44
N LEU B 76 -7.89 13.21 3.09
CA LEU B 76 -7.21 14.44 2.72
C LEU B 76 -5.73 14.13 2.64
N TYR B 77 -5.18 13.59 3.72
CA TYR B 77 -3.76 13.29 3.72
C TYR B 77 -3.39 12.51 2.46
N LYS B 79 -4.86 12.28 -0.31
CA LYS B 79 -5.10 13.06 -1.51
C LYS B 79 -4.03 14.12 -1.71
N GLU B 80 -3.50 14.62 -0.60
CA GLU B 80 -2.49 15.65 -0.61
C GLU B 80 -1.06 15.11 -0.64
N PHE B 81 -0.80 14.03 0.08
CA PHE B 81 0.57 13.51 0.12
C PHE B 81 0.86 12.11 -0.41
N TYR B 82 -0.16 11.40 -0.86
CA TYR B 82 0.12 10.08 -1.41
C TYR B 82 -0.05 10.16 -2.92
N ALA B 83 -1.30 10.24 -3.34
CA ALA B 83 -1.64 10.33 -4.75
C ALA B 83 -0.66 11.16 -5.58
N PRO B 84 -0.47 12.42 -5.22
CA PRO B 84 0.46 13.27 -5.96
C PRO B 84 1.84 12.70 -6.25
N TYR B 85 2.35 11.84 -5.36
CA TYR B 85 3.70 11.33 -5.53
C TYR B 85 3.88 9.82 -5.62
N PRO B 86 5.14 9.37 -5.82
CA PRO B 86 5.48 7.94 -5.92
C PRO B 86 5.70 7.35 -4.52
N ASN B 87 6.48 6.29 -4.43
CA ASN B 87 6.73 5.63 -3.14
C ASN B 87 7.72 6.38 -2.24
N THR B 88 8.87 6.76 -2.80
CA THR B 88 9.89 7.47 -2.04
C THR B 88 9.57 8.93 -1.70
N LYS B 89 8.64 9.54 -2.42
CA LYS B 89 8.27 10.91 -2.13
C LYS B 89 7.24 10.92 -0.99
N VAL B 90 6.48 9.82 -0.90
CA VAL B 90 5.48 9.65 0.14
C VAL B 90 6.21 9.41 1.46
N ILE B 91 7.19 8.52 1.42
CA ILE B 91 8.00 8.18 2.59
C ILE B 91 8.68 9.45 3.11
N GLU B 92 9.59 10.00 2.32
CA GLU B 92 10.31 11.22 2.68
C GLU B 92 9.41 12.15 3.46
N GLY B 94 6.20 11.73 4.78
CA GLY B 94 5.64 11.29 6.06
C GLY B 94 6.66 11.40 7.19
N THR B 95 7.89 10.97 6.90
CA THR B 95 8.97 11.05 7.86
C THR B 95 9.12 12.50 8.33
N LYS B 96 8.91 13.42 7.40
CA LYS B 96 9.00 14.82 7.69
C LYS B 96 7.83 15.22 8.60
N HIS B 97 6.64 14.93 8.14
CA HIS B 97 5.42 15.28 8.86
C HIS B 97 5.24 14.65 10.25
N PHE B 98 5.56 13.38 10.38
CA PHE B 98 5.34 12.68 11.63
C PHE B 98 6.51 12.50 12.61
N LEU B 99 7.72 12.38 12.09
CA LEU B 99 8.87 12.22 12.97
C LEU B 99 9.73 13.50 12.94
N GLY B 100 9.30 14.46 12.12
CA GLY B 100 10.02 15.71 12.00
C GLY B 100 11.46 15.54 11.54
N ARG B 101 11.66 14.76 10.48
CA ARG B 101 13.00 14.52 9.95
C ARG B 101 12.92 13.82 8.61
N ALA B 102 14.08 13.64 7.98
CA ALA B 102 14.16 12.94 6.69
C ALA B 102 14.52 11.50 7.02
N PRO B 103 14.35 10.59 6.05
CA PRO B 103 14.66 9.17 6.27
C PRO B 103 16.14 8.94 6.59
N LEU B 104 16.40 8.47 7.81
CA LEU B 104 17.76 8.18 8.29
C LEU B 104 18.69 7.66 7.20
N ASN B 105 18.18 6.78 6.37
CA ASN B 105 18.97 6.20 5.29
C ASN B 105 18.07 5.53 4.27
N GLN B 106 18.68 4.78 3.36
CA GLN B 106 17.96 4.09 2.31
C GLN B 106 17.26 2.84 2.84
N LYS B 107 17.91 2.15 3.77
CA LYS B 107 17.36 0.94 4.38
C LYS B 107 16.03 1.26 5.05
N GLU B 108 15.90 2.47 5.59
CA GLU B 108 14.66 2.88 6.24
C GLU B 108 13.60 3.04 5.15
N ILE B 109 13.90 3.86 4.14
CA ILE B 109 12.97 4.07 3.01
C ILE B 109 12.39 2.72 2.58
N GLN B 110 13.28 1.78 2.32
CA GLN B 110 12.91 0.44 1.91
C GLN B 110 11.99 -0.27 2.89
N GLN B 111 12.28 -0.14 4.19
CA GLN B 111 11.47 -0.78 5.22
C GLN B 111 10.03 -0.25 5.18
N TYR B 112 9.86 1.06 5.28
CA TYR B 112 8.54 1.65 5.26
C TYR B 112 7.79 1.27 3.98
N ASN B 113 8.53 1.10 2.90
CA ASN B 113 7.99 0.74 1.60
C ASN B 113 7.31 -0.62 1.69
N GLN B 114 7.88 -1.51 2.50
CA GLN B 114 7.33 -2.85 2.68
C GLN B 114 6.01 -2.77 3.42
N ILE B 115 5.97 -1.94 4.46
CA ILE B 115 4.76 -1.78 5.23
C ILE B 115 3.66 -1.17 4.37
N LEU B 116 4.03 -0.20 3.53
CA LEU B 116 3.05 0.43 2.64
C LEU B 116 2.43 -0.66 1.79
N ALA B 117 3.30 -1.49 1.22
CA ALA B 117 2.88 -2.59 0.37
C ALA B 117 2.09 -3.67 1.11
N SER B 118 2.25 -3.72 2.43
CA SER B 118 1.54 -4.74 3.20
C SER B 118 0.11 -4.35 3.53
N GLN B 119 -0.06 -3.27 4.28
CA GLN B 119 -1.41 -2.84 4.65
C GLN B 119 -1.72 -1.40 4.26
N GLY B 120 -1.07 -0.93 3.19
CA GLY B 120 -1.30 0.41 2.71
C GLY B 120 -0.70 1.57 3.50
N LEU B 121 -1.34 2.73 3.34
CA LEU B 121 -0.93 3.97 3.97
C LEU B 121 -1.14 3.98 5.49
N LYS B 122 -2.33 3.56 5.92
CA LYS B 122 -2.67 3.52 7.33
C LYS B 122 -1.67 2.69 8.17
N ALA B 123 -1.02 1.72 7.53
CA ALA B 123 -0.03 0.88 8.22
C ALA B 123 1.26 1.64 8.35
N PHE B 124 1.49 2.55 7.41
CA PHE B 124 2.70 3.35 7.39
C PHE B 124 2.70 4.42 8.48
N ILE B 125 1.60 5.15 8.58
CA ILE B 125 1.45 6.19 9.60
C ILE B 125 1.57 5.56 10.97
N GLY B 126 0.78 4.52 11.20
CA GLY B 126 0.78 3.81 12.47
C GLY B 126 2.17 3.40 12.86
N ALA B 127 2.88 2.82 11.90
CA ALA B 127 4.26 2.37 12.12
C ALA B 127 5.15 3.49 12.63
N VAL B 129 3.78 6.57 14.16
CA VAL B 129 3.18 7.20 15.32
C VAL B 129 3.17 6.33 16.56
N ASN B 130 3.02 5.04 16.35
CA ASN B 130 2.98 4.09 17.44
C ASN B 130 4.37 3.50 17.66
N GLY B 131 5.33 4.06 16.93
CA GLY B 131 6.71 3.62 17.03
C GLY B 131 7.45 4.19 18.23
N GLU B 133 10.44 5.46 18.64
CA GLU B 133 11.08 6.77 18.41
C GLU B 133 10.10 7.92 18.63
N TYR B 134 8.86 7.75 18.18
CA TYR B 134 7.84 8.79 18.36
C TYR B 134 7.52 8.93 19.84
N LEU B 135 7.24 7.81 20.50
CA LEU B 135 6.92 7.85 21.93
C LEU B 135 8.00 8.53 22.76
N GLN B 136 9.25 8.15 22.52
CA GLN B 136 10.35 8.73 23.27
C GLN B 136 10.71 10.13 22.81
N THR B 137 10.27 10.50 21.61
CA THR B 137 10.59 11.82 21.13
C THR B 137 9.47 12.79 21.47
N PHE B 138 8.29 12.56 20.92
CA PHE B 138 7.15 13.44 21.13
C PHE B 138 6.16 13.07 22.21
N GLY B 139 6.21 11.83 22.70
CA GLY B 139 5.26 11.43 23.72
C GLY B 139 3.87 11.44 23.11
N GLU B 140 2.86 11.32 23.96
CA GLU B 140 1.45 11.28 23.52
C GLU B 140 0.74 12.63 23.46
N ASP B 141 1.30 13.63 24.14
CA ASP B 141 0.66 14.93 24.21
C ASP B 141 1.36 16.08 23.50
N THR B 142 2.51 15.81 22.92
CA THR B 142 3.22 16.85 22.21
C THR B 142 2.97 16.65 20.73
N VAL B 143 2.88 17.76 20.00
CA VAL B 143 2.68 17.73 18.56
C VAL B 143 4.06 17.63 17.93
N PRO B 144 4.23 16.72 16.95
CA PRO B 144 5.56 16.61 16.32
C PRO B 144 6.05 17.93 15.75
N TYR B 145 7.36 18.07 15.69
CA TYR B 145 7.98 19.26 15.15
C TYR B 145 9.30 18.85 14.49
N ARG B 146 9.82 19.72 13.64
CA ARG B 146 11.07 19.47 12.95
C ARG B 146 12.21 19.39 13.93
N ARG B 147 12.96 18.30 13.87
CA ARG B 147 14.11 18.08 14.74
C ARG B 147 15.41 18.40 14.02
#